data_9FAF
#
_entry.id   9FAF
#
_cell.length_a   59.457
_cell.length_b   99.164
_cell.length_c   110.987
_cell.angle_alpha   90.000
_cell.angle_beta   90.000
_cell.angle_gamma   90.000
#
_symmetry.space_group_name_H-M   'P 21 21 21'
#
loop_
_entity.id
_entity.type
_entity.pdbx_description
1 polymer Fiber
2 non-polymer 'methyl 4-O-acetyl-5-acetamido-3,5-dideoxy-D-glycero-alpha-D-galacto-non-2-ulopyranosidonic acid'
3 non-polymer DI(HYDROXYETHYL)ETHER
4 non-polymer 'TRIETHYLENE GLYCOL'
5 non-polymer 1,2-ETHANEDIOL
6 water water
#
_entity_poly.entity_id   1
_entity_poly.type   'polypeptide(L)'
_entity_poly.pdbx_seq_one_letter_code
;MSKRLRVEDDFNPVYPYGYARNQNIPFLTPPFVSSDGFQNFPPGVLSLKLADPIAIANGNVSLKVGGGLTVEQQSGKLSV
DTKAPLQVANDNKLELSYDDPFKVENNKLGIKAGHGLAVVTKENTSLPSLVGTLVVLTGKGIGTGSSAHGGTIDVRLGEG
GGLSFDEKGDLVAWDKKNDTRTLWTTPDPSPNCKVETARDSKLTLALTKCGSQILATVSLLVVTGKYAIISDTVNPKQFS
IKLLFNDKGVLLSDSNLDGTYWNYRSNNNNIGTPYKEAVGFMPSTTAYPKPTNNTSTDPDKKVSQGKNKIVSNIYLGGEV
YQPGFIVVKFNQETDANCAYSITFDFGWGKVYKDPIPYDTSSFTFSYIAQE
;
_entity_poly.pdbx_strand_id   A,B,C
#
# COMPACT_ATOMS: atom_id res chain seq x y z
N ASP A 179 8.12 19.16 7.88
CA ASP A 179 6.66 19.14 7.86
C ASP A 179 6.14 17.71 7.82
N THR A 180 5.78 17.19 9.00
CA THR A 180 5.23 15.85 9.12
C THR A 180 3.73 15.88 9.44
N ARG A 181 3.04 16.93 8.99
CA ARG A 181 1.64 17.12 9.35
C ARG A 181 0.75 16.16 8.58
N THR A 182 -0.50 16.09 9.01
CA THR A 182 -1.55 15.31 8.38
C THR A 182 -2.72 16.22 8.04
N LEU A 183 -3.19 16.09 6.81
CA LEU A 183 -4.43 16.68 6.32
C LEU A 183 -5.47 15.56 6.29
N TRP A 184 -6.62 15.76 6.93
CA TRP A 184 -7.55 14.64 7.04
C TRP A 184 -9.01 15.10 7.06
N THR A 185 -9.90 14.14 6.84
CA THR A 185 -11.31 14.31 7.19
C THR A 185 -11.43 14.34 8.72
N THR A 186 -12.07 15.37 9.25
CA THR A 186 -12.04 15.63 10.68
C THR A 186 -12.88 14.60 11.46
N PRO A 187 -12.68 14.51 12.80
CA PRO A 187 -13.39 13.48 13.59
C PRO A 187 -14.89 13.70 13.76
N ASP A 188 -15.47 14.69 13.10
CA ASP A 188 -16.92 14.86 13.18
C ASP A 188 -17.60 13.63 12.58
N PRO A 189 -18.53 12.98 13.29
CA PRO A 189 -19.13 11.74 12.78
C PRO A 189 -20.22 11.93 11.74
N SER A 190 -20.54 13.16 11.33
CA SER A 190 -21.60 13.39 10.37
C SER A 190 -21.20 12.88 8.98
N PRO A 191 -22.19 12.57 8.14
CA PRO A 191 -21.89 12.39 6.71
C PRO A 191 -21.21 13.65 6.18
N ASN A 192 -20.18 13.45 5.36
CA ASN A 192 -19.36 14.58 4.93
C ASN A 192 -19.16 14.63 3.42
N CYS A 193 -19.83 13.79 2.64
CA CYS A 193 -19.47 13.64 1.24
C CYS A 193 -20.71 13.34 0.41
N LYS A 194 -20.64 13.68 -0.88
CA LYS A 194 -21.72 13.44 -1.82
C LYS A 194 -21.28 12.39 -2.83
N VAL A 195 -22.02 11.29 -2.90
CA VAL A 195 -21.85 10.33 -4.01
C VAL A 195 -22.92 10.64 -5.03
N GLU A 196 -24.18 10.58 -4.62
N GLU A 196 -24.18 10.57 -4.61
CA GLU A 196 -25.31 10.92 -5.49
CA GLU A 196 -25.33 10.87 -5.45
C GLU A 196 -26.04 12.18 -5.04
C GLU A 196 -26.01 12.17 -5.04
N THR A 197 -26.17 12.40 -3.74
CA THR A 197 -26.79 13.61 -3.20
C THR A 197 -25.97 14.06 -1.99
N ALA A 198 -26.21 15.29 -1.56
CA ALA A 198 -25.49 15.84 -0.41
C ALA A 198 -25.68 14.98 0.83
N ARG A 199 -24.59 14.80 1.60
CA ARG A 199 -24.59 14.11 2.89
C ARG A 199 -24.98 12.65 2.77
N ASP A 200 -24.77 12.00 1.63
CA ASP A 200 -25.15 10.60 1.56
C ASP A 200 -24.00 9.64 1.87
N SER A 201 -22.83 10.16 2.23
N SER A 201 -22.83 10.15 2.24
CA SER A 201 -21.70 9.26 2.48
CA SER A 201 -21.71 9.25 2.48
C SER A 201 -20.74 9.88 3.48
C SER A 201 -20.72 9.87 3.45
N LYS A 202 -19.87 9.01 4.01
CA LYS A 202 -18.82 9.38 4.95
C LYS A 202 -17.48 8.93 4.39
N LEU A 203 -16.67 9.88 3.94
CA LEU A 203 -15.33 9.59 3.45
C LEU A 203 -14.34 9.71 4.61
N THR A 204 -13.46 8.71 4.74
CA THR A 204 -12.30 8.80 5.63
C THR A 204 -11.07 8.92 4.74
N LEU A 205 -10.31 9.99 4.93
CA LEU A 205 -9.10 10.24 4.18
C LEU A 205 -8.08 10.91 5.08
N ALA A 206 -6.86 10.37 5.11
CA ALA A 206 -5.77 10.97 5.84
C ALA A 206 -4.58 11.03 4.90
N LEU A 207 -4.00 12.23 4.76
CA LEU A 207 -2.80 12.46 3.97
C LEU A 207 -1.69 12.94 4.91
N THR A 208 -0.57 12.23 4.93
CA THR A 208 0.54 12.57 5.81
C THR A 208 1.79 12.82 4.97
N LYS A 209 2.42 13.97 5.19
CA LYS A 209 3.58 14.35 4.40
C LYS A 209 4.84 13.65 4.90
N CYS A 210 5.53 12.96 3.99
CA CYS A 210 6.79 12.29 4.24
C CYS A 210 7.81 12.83 3.26
N GLY A 211 8.29 14.04 3.50
CA GLY A 211 9.12 14.71 2.52
C GLY A 211 8.37 14.87 1.21
N SER A 212 8.97 14.38 0.13
CA SER A 212 8.42 14.54 -1.21
C SER A 212 7.38 13.47 -1.57
N GLN A 213 6.99 12.62 -0.62
CA GLN A 213 5.92 11.66 -0.83
C GLN A 213 4.84 11.84 0.23
N ILE A 214 3.60 11.65 -0.17
CA ILE A 214 2.45 11.68 0.72
C ILE A 214 2.02 10.25 0.98
N LEU A 215 1.86 9.89 2.25
CA LEU A 215 1.31 8.61 2.68
C LEU A 215 -0.18 8.78 2.98
N ALA A 216 -1.00 7.92 2.41
CA ALA A 216 -2.43 8.13 2.44
C ALA A 216 -3.18 6.85 2.82
N THR A 217 -4.32 7.03 3.47
CA THR A 217 -5.26 5.94 3.73
C THR A 217 -6.68 6.46 3.50
N VAL A 218 -7.50 5.66 2.81
CA VAL A 218 -8.84 6.09 2.42
C VAL A 218 -9.84 4.95 2.61
N SER A 219 -11.05 5.31 3.03
CA SER A 219 -12.16 4.38 3.18
C SER A 219 -13.46 5.15 2.95
N LEU A 220 -14.49 4.45 2.46
CA LEU A 220 -15.77 5.09 2.17
C LEU A 220 -16.92 4.27 2.71
N LEU A 221 -17.86 4.95 3.39
CA LEU A 221 -19.14 4.35 3.74
C LEU A 221 -20.26 5.18 3.11
N VAL A 222 -21.04 4.56 2.23
CA VAL A 222 -22.25 5.22 1.69
C VAL A 222 -23.40 4.92 2.66
N VAL A 223 -24.04 5.97 3.17
CA VAL A 223 -25.04 5.77 4.22
C VAL A 223 -26.48 5.79 3.69
N THR A 224 -26.76 6.57 2.64
CA THR A 224 -28.11 6.59 2.08
C THR A 224 -28.03 6.65 0.56
N GLY A 225 -29.17 6.40 -0.08
CA GLY A 225 -29.30 6.59 -1.50
C GLY A 225 -28.96 5.35 -2.31
N LYS A 226 -28.70 5.62 -3.60
CA LYS A 226 -28.57 4.57 -4.60
C LYS A 226 -27.49 3.56 -4.24
N TYR A 227 -26.35 4.03 -3.72
CA TYR A 227 -25.21 3.16 -3.52
C TYR A 227 -25.02 2.75 -2.07
N ALA A 228 -26.01 3.01 -1.20
CA ALA A 228 -25.87 2.60 0.19
C ALA A 228 -25.83 1.08 0.32
N ILE A 229 -26.70 0.37 -0.41
CA ILE A 229 -26.70 -1.08 -0.50
C ILE A 229 -26.67 -1.44 -1.97
N ILE A 230 -25.74 -2.30 -2.37
CA ILE A 230 -25.56 -2.60 -3.79
C ILE A 230 -25.82 -4.08 -4.08
N SER A 231 -26.12 -4.34 -5.36
CA SER A 231 -26.25 -5.69 -5.89
C SER A 231 -26.07 -5.59 -7.40
N ASP A 232 -26.20 -6.73 -8.09
CA ASP A 232 -25.92 -6.72 -9.52
C ASP A 232 -26.94 -5.94 -10.34
N THR A 233 -28.12 -5.65 -9.78
CA THR A 233 -29.12 -4.88 -10.52
C THR A 233 -28.90 -3.37 -10.42
N VAL A 234 -27.93 -2.91 -9.63
CA VAL A 234 -27.59 -1.50 -9.55
C VAL A 234 -26.64 -1.14 -10.70
N ASN A 235 -26.95 -0.06 -11.42
CA ASN A 235 -26.11 0.44 -12.51
C ASN A 235 -26.07 1.96 -12.54
N PRO A 236 -24.92 2.55 -12.91
CA PRO A 236 -23.65 1.88 -13.21
C PRO A 236 -23.00 1.36 -11.94
N LYS A 237 -21.96 0.54 -12.10
CA LYS A 237 -21.25 -0.04 -10.96
C LYS A 237 -19.96 0.70 -10.64
N GLN A 238 -19.99 2.03 -10.77
CA GLN A 238 -18.85 2.89 -10.48
C GLN A 238 -19.40 4.29 -10.23
N PHE A 239 -18.77 5.01 -9.29
CA PHE A 239 -19.11 6.41 -9.08
C PHE A 239 -17.85 7.13 -8.66
N SER A 240 -17.89 8.46 -8.73
CA SER A 240 -16.68 9.26 -8.59
C SER A 240 -16.82 10.30 -7.48
N ILE A 241 -15.77 10.42 -6.66
CA ILE A 241 -15.68 11.41 -5.59
C ILE A 241 -14.47 12.29 -5.89
N LYS A 242 -14.70 13.57 -6.15
CA LYS A 242 -13.66 14.47 -6.60
C LYS A 242 -13.25 15.43 -5.48
N LEU A 243 -11.96 15.50 -5.21
CA LEU A 243 -11.39 16.55 -4.37
C LEU A 243 -10.63 17.49 -5.29
N LEU A 244 -11.14 18.71 -5.43
CA LEU A 244 -10.57 19.73 -6.30
C LEU A 244 -9.93 20.80 -5.43
N PHE A 245 -8.70 21.19 -5.79
CA PHE A 245 -7.93 22.15 -5.00
C PHE A 245 -7.49 23.32 -5.86
N ASN A 246 -7.36 24.51 -5.24
CA ASN A 246 -6.80 25.67 -5.92
C ASN A 246 -5.27 25.65 -5.80
N ASP A 247 -4.61 26.74 -6.21
CA ASP A 247 -3.15 26.70 -6.27
C ASP A 247 -2.48 26.86 -4.91
N LYS A 248 -3.24 27.07 -3.82
CA LYS A 248 -2.69 27.00 -2.48
C LYS A 248 -3.01 25.67 -1.79
N GLY A 249 -3.64 24.73 -2.49
CA GLY A 249 -3.95 23.45 -1.90
C GLY A 249 -5.22 23.43 -1.08
N VAL A 250 -6.07 24.45 -1.22
CA VAL A 250 -7.32 24.59 -0.50
C VAL A 250 -8.43 23.93 -1.30
N LEU A 251 -9.32 23.22 -0.60
CA LEU A 251 -10.40 22.48 -1.23
C LEU A 251 -11.47 23.42 -1.79
N LEU A 252 -11.84 23.20 -3.05
CA LEU A 252 -12.84 24.03 -3.72
C LEU A 252 -14.25 23.48 -3.48
N SER A 253 -15.22 24.40 -3.44
CA SER A 253 -16.58 24.03 -3.07
C SER A 253 -17.25 23.09 -4.08
N ASP A 254 -16.74 22.97 -5.30
CA ASP A 254 -17.30 22.00 -6.23
C ASP A 254 -16.87 20.57 -5.93
N SER A 255 -16.00 20.35 -4.95
CA SER A 255 -15.61 19.01 -4.58
C SER A 255 -16.79 18.23 -4.02
N ASN A 256 -16.74 16.90 -4.18
CA ASN A 256 -17.73 16.05 -3.55
C ASN A 256 -17.61 16.06 -2.02
N LEU A 257 -16.38 16.15 -1.53
CA LEU A 257 -16.14 16.25 -0.09
C LEU A 257 -16.53 17.64 0.41
N ASP A 258 -17.31 17.70 1.49
CA ASP A 258 -17.69 18.96 2.12
C ASP A 258 -16.50 19.49 2.94
N GLY A 259 -15.96 20.64 2.54
CA GLY A 259 -14.74 21.15 3.17
C GLY A 259 -14.92 21.56 4.61
N THR A 260 -16.16 21.64 5.10
CA THR A 260 -16.44 21.75 6.53
C THR A 260 -15.68 20.70 7.33
N TYR A 261 -15.43 19.54 6.74
CA TYR A 261 -14.83 18.40 7.42
C TYR A 261 -13.42 18.10 6.93
N TRP A 262 -12.69 19.11 6.44
CA TRP A 262 -11.37 18.89 5.84
C TRP A 262 -10.38 19.93 6.38
N ASN A 263 -9.38 19.46 7.13
CA ASN A 263 -8.44 20.36 7.81
C ASN A 263 -7.19 19.59 8.21
N TYR A 264 -6.18 20.34 8.64
CA TYR A 264 -5.03 19.72 9.28
C TYR A 264 -5.43 19.09 10.60
N ARG A 265 -4.87 17.91 10.89
CA ARG A 265 -5.00 17.36 12.23
C ARG A 265 -4.09 18.14 13.15
N SER A 266 -4.57 18.47 14.34
CA SER A 266 -3.73 19.23 15.26
C SER A 266 -3.89 18.71 16.67
N ASN A 267 -2.91 19.05 17.51
CA ASN A 267 -3.02 18.85 18.94
C ASN A 267 -3.64 20.05 19.64
N ASN A 268 -3.67 21.21 18.99
CA ASN A 268 -4.33 22.41 19.51
C ASN A 268 -5.79 22.40 19.04
N ASN A 269 -6.43 23.57 19.06
CA ASN A 269 -7.84 23.69 18.71
C ASN A 269 -7.97 24.50 17.43
N ASN A 270 -7.67 23.85 16.30
CA ASN A 270 -7.92 24.44 14.99
C ASN A 270 -9.29 24.08 14.45
N ILE A 271 -10.24 23.72 15.33
CA ILE A 271 -11.54 23.26 14.87
C ILE A 271 -12.23 24.34 14.02
N GLY A 272 -12.07 25.60 14.42
CA GLY A 272 -12.65 26.71 13.69
C GLY A 272 -11.70 27.49 12.81
N THR A 273 -10.45 27.04 12.66
CA THR A 273 -9.47 27.74 11.83
C THR A 273 -9.15 26.92 10.60
N PRO A 274 -9.59 27.33 9.41
CA PRO A 274 -9.27 26.58 8.20
C PRO A 274 -7.83 26.84 7.75
N TYR A 275 -7.23 25.83 7.14
CA TYR A 275 -5.85 26.03 6.70
C TYR A 275 -5.82 26.97 5.50
N LYS A 276 -4.70 27.69 5.36
CA LYS A 276 -4.52 28.63 4.27
C LYS A 276 -3.70 28.04 3.12
N GLU A 277 -2.86 27.04 3.38
CA GLU A 277 -1.93 26.54 2.38
C GLU A 277 -1.62 25.09 2.65
N ALA A 278 -1.52 24.30 1.57
CA ALA A 278 -1.15 22.90 1.69
C ALA A 278 -0.61 22.39 0.35
N VAL A 279 0.16 23.23 -0.35
CA VAL A 279 0.75 22.83 -1.63
C VAL A 279 1.62 21.60 -1.46
N GLY A 280 2.29 21.46 -0.31
CA GLY A 280 3.14 20.30 -0.08
C GLY A 280 2.40 18.97 -0.01
N PHE A 281 1.07 19.01 0.06
CA PHE A 281 0.23 17.82 0.08
C PHE A 281 -0.40 17.51 -1.26
N MET A 282 -0.21 18.39 -2.26
CA MET A 282 -0.82 18.22 -3.57
C MET A 282 -0.03 17.21 -4.42
N PRO A 283 -0.71 16.45 -5.26
CA PRO A 283 0.02 15.57 -6.19
C PRO A 283 0.80 16.40 -7.20
N SER A 284 2.04 15.98 -7.43
CA SER A 284 2.94 16.69 -8.34
C SER A 284 2.32 16.79 -9.74
N THR A 285 2.30 18.00 -10.30
CA THR A 285 1.92 18.18 -11.69
C THR A 285 3.05 17.90 -12.65
N THR A 286 4.27 17.66 -12.15
CA THR A 286 5.34 17.13 -13.01
C THR A 286 5.23 15.61 -13.11
N ALA A 287 5.01 14.94 -11.98
CA ALA A 287 4.83 13.49 -12.02
C ALA A 287 3.50 13.12 -12.65
N TYR A 288 2.44 13.90 -12.35
CA TYR A 288 1.08 13.59 -12.75
C TYR A 288 0.48 14.80 -13.44
N PRO A 289 0.84 15.02 -14.71
CA PRO A 289 0.38 16.23 -15.41
C PRO A 289 -1.08 16.14 -15.79
N LYS A 290 -1.72 17.30 -15.87
CA LYS A 290 -3.10 17.36 -16.35
C LYS A 290 -3.16 16.88 -17.80
N PRO A 291 -4.22 16.18 -18.19
CA PRO A 291 -4.32 15.73 -19.59
C PRO A 291 -4.28 16.90 -20.56
N THR A 292 -3.60 16.69 -21.69
CA THR A 292 -3.40 17.74 -22.67
C THR A 292 -3.33 17.19 -24.09
N THR A 297 4.15 12.60 -31.32
CA THR A 297 4.54 11.70 -32.40
C THR A 297 5.73 10.82 -32.01
N ASP A 298 6.63 11.38 -31.22
CA ASP A 298 7.77 10.63 -30.72
C ASP A 298 7.30 9.57 -29.73
N PRO A 299 7.61 8.30 -29.96
CA PRO A 299 7.26 7.28 -28.95
C PRO A 299 7.91 7.54 -27.61
N ASP A 300 9.14 8.06 -27.59
CA ASP A 300 9.80 8.43 -26.35
C ASP A 300 9.12 9.57 -25.62
N LYS A 301 8.17 10.26 -26.26
CA LYS A 301 7.42 11.34 -25.63
C LYS A 301 5.99 10.94 -25.29
N LYS A 302 5.64 9.67 -25.47
CA LYS A 302 4.32 9.18 -25.12
C LYS A 302 4.02 9.44 -23.64
N VAL A 303 2.83 9.97 -23.37
CA VAL A 303 2.42 10.31 -22.00
C VAL A 303 1.77 9.09 -21.37
N SER A 304 2.25 8.72 -20.19
CA SER A 304 1.71 7.56 -19.50
C SER A 304 0.28 7.81 -19.06
N GLN A 305 -0.61 6.88 -19.42
CA GLN A 305 -1.99 6.91 -18.94
C GLN A 305 -2.17 6.21 -17.61
N GLY A 306 -1.25 5.33 -17.23
CA GLY A 306 -1.39 4.59 -15.99
C GLY A 306 -0.82 5.31 -14.78
N LYS A 307 0.20 6.14 -15.01
CA LYS A 307 1.04 6.63 -13.92
C LYS A 307 0.26 7.49 -12.92
N ASN A 308 -0.74 8.25 -13.40
CA ASN A 308 -1.50 9.14 -12.53
C ASN A 308 -2.64 8.42 -11.83
N LYS A 309 -2.69 7.09 -11.91
CA LYS A 309 -3.74 6.30 -11.29
C LYS A 309 -3.14 5.22 -10.41
N ILE A 310 -3.83 4.93 -9.32
CA ILE A 310 -3.54 3.81 -8.43
C ILE A 310 -4.81 2.99 -8.35
N VAL A 311 -4.73 1.71 -8.69
CA VAL A 311 -5.92 0.86 -8.82
C VAL A 311 -5.72 -0.40 -7.99
N SER A 312 -6.75 -0.76 -7.21
CA SER A 312 -6.66 -1.95 -6.38
C SER A 312 -8.05 -2.44 -6.04
N ASN A 313 -8.13 -3.70 -5.64
CA ASN A 313 -9.32 -4.18 -4.97
C ASN A 313 -9.42 -3.54 -3.58
N ILE A 314 -10.66 -3.27 -3.16
CA ILE A 314 -10.98 -3.11 -1.75
C ILE A 314 -12.04 -4.15 -1.46
N TYR A 315 -12.45 -4.30 -0.20
CA TYR A 315 -13.35 -5.39 0.17
C TYR A 315 -14.51 -4.85 1.01
N LEU A 316 -15.73 -5.11 0.56
CA LEU A 316 -16.90 -4.53 1.19
C LEU A 316 -17.14 -5.20 2.53
N GLY A 317 -17.31 -4.39 3.57
CA GLY A 317 -17.39 -4.91 4.91
C GLY A 317 -16.11 -5.54 5.40
N GLY A 318 -15.03 -5.42 4.64
CA GLY A 318 -13.81 -6.13 4.96
C GLY A 318 -13.88 -7.63 4.77
N GLU A 319 -14.87 -8.13 4.03
CA GLU A 319 -15.04 -9.56 3.80
C GLU A 319 -14.24 -9.96 2.57
N VAL A 320 -13.42 -11.02 2.69
CA VAL A 320 -12.56 -11.44 1.60
C VAL A 320 -13.34 -11.89 0.38
N TYR A 321 -14.60 -12.26 0.55
CA TYR A 321 -15.43 -12.70 -0.58
C TYR A 321 -16.31 -11.58 -1.14
N GLN A 322 -16.05 -10.32 -0.78
CA GLN A 322 -16.85 -9.19 -1.28
C GLN A 322 -15.94 -8.12 -1.91
N PRO A 323 -15.17 -8.49 -2.95
CA PRO A 323 -14.30 -7.50 -3.60
C PRO A 323 -15.10 -6.41 -4.29
N GLY A 324 -14.54 -5.19 -4.22
CA GLY A 324 -14.93 -4.08 -5.06
C GLY A 324 -13.64 -3.47 -5.55
N PHE A 325 -13.66 -2.24 -6.09
CA PHE A 325 -12.41 -1.65 -6.53
C PHE A 325 -12.37 -0.17 -6.19
N ILE A 326 -11.15 0.34 -6.14
CA ILE A 326 -10.92 1.77 -5.98
C ILE A 326 -9.93 2.20 -7.05
N VAL A 327 -10.18 3.36 -7.65
CA VAL A 327 -9.25 3.99 -8.59
C VAL A 327 -8.98 5.38 -8.04
N VAL A 328 -7.72 5.63 -7.66
CA VAL A 328 -7.28 6.96 -7.22
C VAL A 328 -6.62 7.62 -8.42
N LYS A 329 -7.01 8.87 -8.73
CA LYS A 329 -6.51 9.58 -9.90
C LYS A 329 -5.96 10.93 -9.48
N PHE A 330 -4.77 11.27 -9.99
CA PHE A 330 -4.10 12.53 -9.65
C PHE A 330 -4.17 13.52 -10.80
N ASN A 331 -4.72 14.71 -10.53
CA ASN A 331 -4.68 15.87 -11.40
C ASN A 331 -5.37 15.62 -12.75
N GLN A 332 -6.36 14.73 -12.78
CA GLN A 332 -7.04 14.44 -14.03
C GLN A 332 -8.30 15.28 -14.22
N GLU A 333 -8.65 16.13 -13.25
CA GLU A 333 -9.84 16.97 -13.32
C GLU A 333 -9.50 18.39 -13.78
N THR A 334 -10.48 19.02 -14.43
CA THR A 334 -10.39 20.43 -14.80
C THR A 334 -11.51 21.28 -14.20
N ASP A 335 -12.44 20.67 -13.46
CA ASP A 335 -13.59 21.40 -12.94
C ASP A 335 -13.16 22.52 -12.01
N ALA A 336 -13.95 23.60 -12.01
CA ALA A 336 -13.76 24.74 -11.11
C ALA A 336 -12.38 25.39 -11.29
N ASN A 337 -11.78 25.22 -12.46
CA ASN A 337 -10.45 25.75 -12.76
C ASN A 337 -9.43 25.28 -11.74
N CYS A 338 -9.57 24.03 -11.29
CA CYS A 338 -8.73 23.52 -10.21
C CYS A 338 -7.27 23.45 -10.65
N ALA A 339 -6.37 23.71 -9.70
CA ALA A 339 -4.94 23.55 -9.92
C ALA A 339 -4.46 22.13 -9.71
N TYR A 340 -5.13 21.39 -8.82
CA TYR A 340 -4.77 20.03 -8.45
C TYR A 340 -6.06 19.28 -8.17
N SER A 341 -6.01 17.96 -8.28
CA SER A 341 -7.16 17.16 -7.94
C SER A 341 -6.74 15.78 -7.49
N ILE A 342 -7.54 15.22 -6.57
CA ILE A 342 -7.47 13.82 -6.19
C ILE A 342 -8.88 13.26 -6.37
N THR A 343 -9.02 12.28 -7.24
CA THR A 343 -10.31 11.66 -7.53
C THR A 343 -10.29 10.21 -7.06
N PHE A 344 -11.36 9.79 -6.39
CA PHE A 344 -11.57 8.39 -6.03
C PHE A 344 -12.76 7.87 -6.81
N ASP A 345 -12.53 6.91 -7.70
CA ASP A 345 -13.60 6.14 -8.32
C ASP A 345 -13.76 4.83 -7.56
N PHE A 346 -14.95 4.60 -7.02
CA PHE A 346 -15.27 3.35 -6.34
C PHE A 346 -16.27 2.55 -7.18
N GLY A 347 -16.17 1.24 -7.14
CA GLY A 347 -17.12 0.42 -7.87
C GLY A 347 -16.98 -1.04 -7.48
N TRP A 348 -17.56 -1.91 -8.30
CA TRP A 348 -17.42 -3.36 -8.11
C TRP A 348 -17.74 -4.06 -9.42
N GLY A 349 -17.32 -5.33 -9.51
CA GLY A 349 -17.55 -6.13 -10.71
C GLY A 349 -18.16 -7.50 -10.44
N LYS A 350 -17.85 -8.08 -9.29
CA LYS A 350 -18.41 -9.39 -8.92
C LYS A 350 -19.93 -9.33 -8.87
N VAL A 351 -20.57 -10.41 -9.30
CA VAL A 351 -22.02 -10.49 -9.31
C VAL A 351 -22.50 -10.80 -7.90
N TYR A 352 -23.33 -9.91 -7.35
CA TYR A 352 -23.89 -10.05 -6.01
C TYR A 352 -25.40 -10.21 -6.10
N LYS A 353 -25.93 -11.30 -5.55
CA LYS A 353 -27.38 -11.45 -5.45
C LYS A 353 -27.92 -10.69 -4.24
N ASP A 354 -27.41 -11.02 -3.06
CA ASP A 354 -27.90 -10.42 -1.82
C ASP A 354 -27.29 -9.04 -1.65
N PRO A 355 -28.09 -8.01 -1.37
CA PRO A 355 -27.55 -6.66 -1.29
C PRO A 355 -26.56 -6.49 -0.15
N ILE A 356 -25.49 -5.77 -0.41
N ILE A 356 -25.50 -5.73 -0.42
CA ILE A 356 -24.50 -5.55 0.65
CA ILE A 356 -24.38 -5.53 0.50
C ILE A 356 -24.13 -4.08 0.74
C ILE A 356 -24.21 -4.03 0.72
N PRO A 357 -23.93 -3.56 1.94
CA PRO A 357 -23.58 -2.13 2.10
C PRO A 357 -22.27 -1.80 1.40
N TYR A 358 -22.24 -0.62 0.77
CA TYR A 358 -20.99 -0.16 0.14
C TYR A 358 -20.18 0.54 1.23
N ASP A 359 -19.29 -0.24 1.84
CA ASP A 359 -18.64 0.11 3.09
C ASP A 359 -17.23 -0.49 3.00
N THR A 360 -16.24 0.31 2.58
CA THR A 360 -15.01 -0.28 2.08
C THR A 360 -13.96 -0.49 3.18
N SER A 361 -13.16 -1.53 2.99
CA SER A 361 -11.92 -1.69 3.73
C SER A 361 -10.99 -0.52 3.41
N SER A 362 -10.11 -0.21 4.35
CA SER A 362 -9.20 0.91 4.18
C SER A 362 -8.11 0.57 3.17
N PHE A 363 -7.72 1.56 2.38
CA PHE A 363 -6.74 1.38 1.32
C PHE A 363 -5.57 2.34 1.52
N THR A 364 -4.37 1.82 1.54
CA THR A 364 -3.15 2.62 1.66
C THR A 364 -2.56 2.89 0.29
N PHE A 365 -2.06 4.11 0.09
CA PHE A 365 -1.35 4.44 -1.14
C PHE A 365 -0.42 5.61 -0.86
N SER A 366 0.46 5.89 -1.80
CA SER A 366 1.35 7.05 -1.73
C SER A 366 1.46 7.71 -3.09
N TYR A 367 1.96 8.95 -3.10
CA TYR A 367 2.15 9.65 -4.36
C TYR A 367 3.20 10.74 -4.18
N ILE A 368 3.80 11.13 -5.31
CA ILE A 368 4.82 12.17 -5.29
C ILE A 368 4.16 13.53 -5.08
N ALA A 369 4.70 14.29 -4.12
CA ALA A 369 4.12 15.57 -3.74
C ALA A 369 4.62 16.69 -4.63
N GLN A 370 3.82 17.76 -4.71
CA GLN A 370 4.17 18.90 -5.54
C GLN A 370 5.44 19.57 -5.04
N GLU A 371 5.62 19.65 -3.74
CA GLU A 371 6.84 20.25 -3.19
C GLU A 371 7.14 19.69 -1.80
N ASP B 179 8.95 12.33 16.56
CA ASP B 179 8.98 10.88 16.73
C ASP B 179 8.87 10.17 15.37
N THR B 180 10.00 9.66 14.88
CA THR B 180 10.03 8.85 13.65
C THR B 180 10.57 7.46 13.94
N ARG B 181 10.28 6.95 15.14
CA ARG B 181 10.86 5.70 15.60
C ARG B 181 10.14 4.51 14.97
N THR B 182 10.74 3.34 15.16
CA THR B 182 10.20 2.09 14.68
C THR B 182 10.00 1.14 15.85
N LEU B 183 8.82 0.54 15.91
CA LEU B 183 8.49 -0.51 16.86
C LEU B 183 8.37 -1.81 16.05
N TRP B 184 9.15 -2.83 16.41
CA TRP B 184 9.18 -4.02 15.57
C TRP B 184 9.47 -5.28 16.37
N THR B 185 9.40 -6.41 15.64
CA THR B 185 9.72 -7.76 16.10
C THR B 185 11.21 -8.07 16.06
N THR B 186 12.05 -7.10 15.63
CA THR B 186 13.40 -7.23 15.06
C THR B 186 13.22 -7.76 13.63
N PRO B 187 14.17 -7.50 12.73
CA PRO B 187 13.95 -7.85 11.31
C PRO B 187 14.16 -9.32 10.99
N ASP B 188 14.88 -10.08 11.82
CA ASP B 188 15.14 -11.50 11.59
C ASP B 188 14.80 -12.27 12.86
N PRO B 189 13.51 -12.34 13.21
CA PRO B 189 13.14 -12.93 14.50
C PRO B 189 13.27 -14.44 14.51
N SER B 190 13.57 -14.97 15.70
CA SER B 190 13.38 -16.38 15.98
C SER B 190 11.88 -16.64 16.08
N PRO B 191 11.45 -17.92 16.09
CA PRO B 191 10.02 -18.19 16.21
C PRO B 191 9.41 -17.45 17.39
N ASN B 192 8.38 -16.64 17.10
CA ASN B 192 7.88 -15.66 18.05
C ASN B 192 6.36 -15.56 18.08
N CYS B 193 5.64 -16.46 17.42
CA CYS B 193 4.22 -16.21 17.19
C CYS B 193 3.47 -17.53 17.15
N LYS B 194 2.23 -17.50 17.61
CA LYS B 194 1.39 -18.68 17.68
C LYS B 194 0.34 -18.62 16.58
N VAL B 195 0.40 -19.57 15.65
CA VAL B 195 -0.69 -19.79 14.69
C VAL B 195 -1.57 -20.89 15.26
N GLU B 196 -0.99 -22.05 15.53
N GLU B 196 -0.99 -22.06 15.48
CA GLU B 196 -1.70 -23.17 16.13
CA GLU B 196 -1.67 -23.20 16.10
C GLU B 196 -1.17 -23.49 17.52
C GLU B 196 -1.16 -23.46 17.51
N THR B 197 0.15 -23.54 17.68
CA THR B 197 0.79 -23.73 18.97
C THR B 197 1.84 -22.64 19.16
N ALA B 198 2.29 -22.48 20.40
CA ALA B 198 3.19 -21.37 20.70
C ALA B 198 4.47 -21.47 19.88
N ARG B 199 4.89 -20.32 19.34
CA ARG B 199 6.15 -20.18 18.61
C ARG B 199 6.26 -21.17 17.45
N ASP B 200 5.14 -21.44 16.78
CA ASP B 200 5.18 -22.26 15.58
C ASP B 200 5.39 -21.42 14.32
N SER B 201 5.65 -20.13 14.46
CA SER B 201 5.80 -19.29 13.28
C SER B 201 6.67 -18.08 13.62
N LYS B 202 7.14 -17.43 12.56
CA LYS B 202 7.96 -16.22 12.63
C LYS B 202 7.20 -15.07 11.99
N LEU B 203 6.72 -14.14 12.81
CA LEU B 203 6.05 -12.93 12.34
C LEU B 203 7.08 -11.82 12.31
N THR B 204 7.32 -11.26 11.12
CA THR B 204 8.19 -10.09 10.99
C THR B 204 7.26 -8.89 10.76
N LEU B 205 7.26 -7.95 11.72
CA LEU B 205 6.36 -6.81 11.69
C LEU B 205 7.13 -5.57 12.12
N ALA B 206 7.10 -4.53 11.30
CA ALA B 206 7.73 -3.26 11.66
C ALA B 206 6.70 -2.14 11.52
N LEU B 207 6.58 -1.32 12.56
CA LEU B 207 5.69 -0.17 12.60
C LEU B 207 6.54 1.08 12.72
N THR B 208 6.43 1.97 11.74
CA THR B 208 7.23 3.18 11.71
C THR B 208 6.31 4.41 11.79
N LYS B 209 6.58 5.28 12.76
CA LYS B 209 5.70 6.41 13.00
C LYS B 209 6.02 7.55 12.03
N CYS B 210 5.04 7.92 11.22
CA CYS B 210 5.15 9.08 10.32
C CYS B 210 4.12 10.09 10.81
N GLY B 211 4.50 10.87 11.82
CA GLY B 211 3.52 11.74 12.44
C GLY B 211 2.35 10.94 12.96
N SER B 212 1.14 11.33 12.58
CA SER B 212 -0.06 10.68 13.08
C SER B 212 -0.57 9.55 12.15
N GLN B 213 0.29 9.02 11.26
CA GLN B 213 0.02 7.81 10.51
C GLN B 213 1.17 6.85 10.69
N ILE B 214 0.85 5.58 10.88
CA ILE B 214 1.86 4.51 11.03
C ILE B 214 2.04 3.82 9.69
N LEU B 215 3.29 3.67 9.26
CA LEU B 215 3.64 2.89 8.09
C LEU B 215 4.10 1.51 8.55
N ALA B 216 3.54 0.45 7.97
CA ALA B 216 3.79 -0.89 8.47
C ALA B 216 4.16 -1.85 7.34
N THR B 217 5.01 -2.82 7.66
CA THR B 217 5.29 -3.93 6.77
C THR B 217 5.26 -5.23 7.57
N VAL B 218 4.60 -6.25 7.03
CA VAL B 218 4.37 -7.49 7.74
C VAL B 218 4.56 -8.68 6.81
N SER B 219 5.14 -9.75 7.34
N SER B 219 5.14 -9.75 7.34
CA SER B 219 5.27 -11.02 6.64
CA SER B 219 5.29 -11.02 6.63
C SER B 219 5.27 -12.13 7.67
C SER B 219 5.29 -12.14 7.66
N LEU B 220 4.84 -13.32 7.23
CA LEU B 220 4.65 -14.46 8.13
C LEU B 220 5.23 -15.73 7.52
N LEU B 221 6.09 -16.41 8.28
CA LEU B 221 6.60 -17.72 7.90
C LEU B 221 6.19 -18.69 8.99
N VAL B 222 5.31 -19.63 8.67
CA VAL B 222 4.93 -20.68 9.61
C VAL B 222 6.00 -21.76 9.53
N VAL B 223 6.62 -22.09 10.68
CA VAL B 223 7.80 -22.95 10.64
C VAL B 223 7.46 -24.40 10.99
N THR B 224 6.48 -24.60 11.88
CA THR B 224 6.08 -25.96 12.24
C THR B 224 4.57 -26.07 12.38
N GLY B 225 4.10 -27.31 12.45
CA GLY B 225 2.72 -27.58 12.78
C GLY B 225 1.82 -27.57 11.56
N LYS B 226 0.53 -27.46 11.85
CA LYS B 226 -0.53 -27.69 10.87
C LYS B 226 -0.41 -26.76 9.66
N TYR B 227 0.07 -25.53 9.85
CA TYR B 227 0.08 -24.54 8.77
C TYR B 227 1.46 -24.31 8.18
N ALA B 228 2.47 -25.10 8.56
CA ALA B 228 3.79 -24.92 7.96
C ALA B 228 3.76 -25.25 6.48
N ILE B 229 3.13 -26.37 6.12
CA ILE B 229 3.02 -26.84 4.73
C ILE B 229 1.54 -27.08 4.47
N ILE B 230 0.94 -26.30 3.58
CA ILE B 230 -0.50 -26.34 3.40
C ILE B 230 -0.83 -27.00 2.07
N SER B 231 -2.02 -27.57 2.02
CA SER B 231 -2.61 -28.06 0.78
C SER B 231 -4.12 -27.95 0.93
N ASP B 232 -4.85 -28.42 -0.09
CA ASP B 232 -6.30 -28.29 -0.04
C ASP B 232 -6.91 -29.16 1.06
N THR B 233 -6.18 -30.15 1.59
CA THR B 233 -6.77 -30.98 2.63
C THR B 233 -6.77 -30.29 4.00
N VAL B 234 -6.04 -29.20 4.17
CA VAL B 234 -5.95 -28.51 5.45
C VAL B 234 -7.19 -27.64 5.66
N ASN B 235 -7.80 -27.74 6.84
CA ASN B 235 -8.94 -26.90 7.22
C ASN B 235 -8.83 -26.58 8.71
N PRO B 236 -9.32 -25.39 9.13
CA PRO B 236 -9.84 -24.32 8.27
C PRO B 236 -8.74 -23.60 7.50
N LYS B 237 -9.11 -22.84 6.48
CA LYS B 237 -8.12 -22.18 5.62
C LYS B 237 -7.95 -20.71 5.99
N GLN B 238 -8.02 -20.41 7.29
CA GLN B 238 -7.85 -19.08 7.83
C GLN B 238 -7.46 -19.23 9.29
N PHE B 239 -6.60 -18.33 9.77
CA PHE B 239 -6.24 -18.31 11.18
C PHE B 239 -5.95 -16.87 11.57
N SER B 240 -6.01 -16.59 12.88
CA SER B 240 -5.91 -15.24 13.40
C SER B 240 -4.71 -15.09 14.34
N ILE B 241 -3.99 -13.98 14.17
CA ILE B 241 -2.86 -13.61 15.03
C ILE B 241 -3.22 -12.27 15.68
N LYS B 242 -3.45 -12.27 16.98
CA LYS B 242 -3.89 -11.08 17.69
C LYS B 242 -2.75 -10.41 18.43
N LEU B 243 -2.57 -9.11 18.20
CA LEU B 243 -1.69 -8.28 19.03
C LEU B 243 -2.58 -7.40 19.90
N LEU B 244 -2.54 -7.63 21.21
CA LEU B 244 -3.41 -6.96 22.16
C LEU B 244 -2.57 -6.02 23.02
N PHE B 245 -3.02 -4.77 23.16
CA PHE B 245 -2.27 -3.75 23.88
C PHE B 245 -3.10 -3.15 25.02
N ASN B 246 -2.41 -2.77 26.10
CA ASN B 246 -3.06 -2.05 27.18
C ASN B 246 -3.11 -0.56 26.82
N ASP B 247 -3.50 0.29 27.77
CA ASP B 247 -3.68 1.70 27.45
C ASP B 247 -2.37 2.47 27.35
N LYS B 248 -1.22 1.85 27.63
CA LYS B 248 0.07 2.46 27.36
C LYS B 248 0.67 1.97 26.04
N GLY B 249 -0.06 1.15 25.29
CA GLY B 249 0.48 0.59 24.07
C GLY B 249 1.44 -0.56 24.27
N VAL B 250 1.41 -1.20 25.44
CA VAL B 250 2.28 -2.33 25.78
C VAL B 250 1.57 -3.63 25.43
N LEU B 251 2.31 -4.54 24.83
CA LEU B 251 1.71 -5.79 24.34
C LEU B 251 1.35 -6.70 25.51
N LEU B 252 0.11 -7.20 25.52
CA LEU B 252 -0.34 -8.08 26.59
C LEU B 252 0.06 -9.52 26.30
N SER B 253 0.26 -10.30 27.37
CA SER B 253 0.77 -11.66 27.21
C SER B 253 -0.25 -12.59 26.57
N ASP B 254 -1.52 -12.22 26.55
CA ASP B 254 -2.51 -13.03 25.84
C ASP B 254 -2.38 -12.92 24.32
N SER B 255 -1.50 -12.07 23.79
CA SER B 255 -1.32 -11.94 22.36
C SER B 255 -0.71 -13.20 21.76
N ASN B 256 -1.04 -13.46 20.49
CA ASN B 256 -0.39 -14.53 19.75
C ASN B 256 1.09 -14.27 19.57
N LEU B 257 1.47 -13.00 19.42
CA LEU B 257 2.85 -12.62 19.27
C LEU B 257 3.54 -12.60 20.64
N ASP B 258 4.68 -13.24 20.71
CA ASP B 258 5.52 -13.22 21.90
C ASP B 258 6.12 -11.82 22.07
N GLY B 259 6.04 -11.28 23.29
CA GLY B 259 6.53 -9.93 23.49
C GLY B 259 8.00 -9.77 23.80
N THR B 260 8.75 -10.87 23.87
CA THR B 260 10.11 -10.82 24.38
C THR B 260 11.00 -9.88 23.58
N TYR B 261 10.88 -9.91 22.25
CA TYR B 261 11.70 -9.06 21.39
C TYR B 261 10.86 -8.06 20.61
N TRP B 262 9.67 -7.73 21.11
CA TRP B 262 8.84 -6.68 20.54
C TRP B 262 9.19 -5.38 21.26
N ASN B 263 9.83 -4.46 20.54
CA ASN B 263 10.43 -3.30 21.19
C ASN B 263 10.82 -2.29 20.11
N TYR B 264 11.25 -1.12 20.56
CA TYR B 264 11.74 -0.10 19.64
C TYR B 264 13.08 -0.50 19.04
N ARG B 265 13.28 -0.09 17.79
CA ARG B 265 14.61 -0.23 17.19
C ARG B 265 15.57 0.71 17.90
N SER B 266 16.70 0.19 18.35
CA SER B 266 17.66 1.02 19.10
C SER B 266 19.09 0.54 18.89
N GLY B 272 17.87 -4.79 26.36
CA GLY B 272 16.59 -5.41 26.05
C GLY B 272 15.46 -4.94 26.94
N THR B 273 15.66 -3.81 27.61
CA THR B 273 14.67 -3.25 28.52
C THR B 273 13.34 -3.01 27.82
N PRO B 274 12.24 -3.60 28.29
CA PRO B 274 10.95 -3.41 27.61
C PRO B 274 10.51 -1.96 27.63
N TYR B 275 9.86 -1.52 26.55
CA TYR B 275 9.38 -0.15 26.52
C TYR B 275 8.22 0.03 27.48
N LYS B 276 8.04 1.27 27.94
CA LYS B 276 6.96 1.61 28.86
C LYS B 276 5.75 2.21 28.17
N GLU B 277 5.90 2.77 26.97
CA GLU B 277 4.82 3.52 26.34
C GLU B 277 4.98 3.49 24.83
N ALA B 278 3.86 3.27 24.11
CA ALA B 278 3.85 3.31 22.66
C ALA B 278 2.48 3.75 22.15
N VAL B 279 1.84 4.67 22.87
CA VAL B 279 0.48 5.09 22.47
C VAL B 279 0.49 5.72 21.08
N GLY B 280 1.58 6.42 20.73
CA GLY B 280 1.72 6.98 19.40
C GLY B 280 1.74 5.95 18.26
N PHE B 281 1.90 4.67 18.57
CA PHE B 281 1.87 3.62 17.55
C PHE B 281 0.56 2.84 17.54
N MET B 282 -0.39 3.16 18.43
CA MET B 282 -1.64 2.42 18.49
C MET B 282 -2.62 2.94 17.43
N PRO B 283 -3.48 2.08 16.91
CA PRO B 283 -4.50 2.55 15.98
C PRO B 283 -5.54 3.38 16.71
N SER B 284 -5.89 4.52 16.13
CA SER B 284 -6.79 5.47 16.76
C SER B 284 -8.14 4.83 17.11
N THR B 285 -8.60 5.02 18.34
CA THR B 285 -9.92 4.53 18.69
C THR B 285 -11.03 5.48 18.25
N THR B 286 -10.67 6.67 17.76
CA THR B 286 -11.65 7.54 17.14
C THR B 286 -11.85 7.14 15.67
N ALA B 287 -10.75 6.93 14.94
CA ALA B 287 -10.87 6.49 13.55
C ALA B 287 -11.36 5.04 13.49
N TYR B 288 -10.93 4.20 14.43
CA TYR B 288 -11.24 2.78 14.42
C TYR B 288 -11.80 2.37 15.78
N PRO B 289 -13.06 2.74 16.08
CA PRO B 289 -13.62 2.40 17.39
C PRO B 289 -13.91 0.92 17.53
N LYS B 290 -13.91 0.46 18.78
CA LYS B 290 -14.30 -0.90 19.08
C LYS B 290 -15.76 -1.11 18.64
N PRO B 291 -16.11 -2.34 18.24
CA PRO B 291 -17.48 -2.66 17.81
C PRO B 291 -18.49 -2.66 18.95
N THR B 297 -30.76 3.36 13.87
CA THR B 297 -32.00 3.75 13.22
C THR B 297 -31.75 4.86 12.19
N ASP B 298 -31.15 5.96 12.64
CA ASP B 298 -30.76 7.08 11.80
C ASP B 298 -29.67 6.63 10.84
N PRO B 299 -29.94 6.61 9.53
CA PRO B 299 -28.88 6.20 8.57
C PRO B 299 -27.68 7.11 8.60
N ASP B 300 -27.83 8.37 9.04
CA ASP B 300 -26.66 9.24 9.18
C ASP B 300 -25.78 8.82 10.37
N LYS B 301 -26.30 8.01 11.29
CA LYS B 301 -25.55 7.52 12.42
C LYS B 301 -24.95 6.14 12.20
N LYS B 302 -25.02 5.62 10.96
CA LYS B 302 -24.44 4.30 10.68
C LYS B 302 -22.94 4.35 10.83
N VAL B 303 -22.37 3.25 11.34
CA VAL B 303 -20.94 3.15 11.62
C VAL B 303 -20.30 2.26 10.57
N SER B 304 -19.12 2.65 10.10
CA SER B 304 -18.43 1.84 9.10
C SER B 304 -17.88 0.56 9.73
N GLN B 305 -18.20 -0.58 9.11
CA GLN B 305 -17.60 -1.85 9.49
C GLN B 305 -16.37 -2.16 8.65
N GLY B 306 -16.25 -1.57 7.46
CA GLY B 306 -15.10 -1.83 6.62
C GLY B 306 -13.85 -1.08 7.04
N LYS B 307 -13.99 0.14 7.59
CA LYS B 307 -12.81 1.01 7.65
C LYS B 307 -11.75 0.50 8.61
N ASN B 308 -12.12 -0.30 9.61
CA ASN B 308 -11.11 -0.83 10.53
C ASN B 308 -10.42 -2.08 10.01
N LYS B 309 -10.65 -2.45 8.75
CA LYS B 309 -9.99 -3.60 8.15
C LYS B 309 -9.25 -3.18 6.89
N ILE B 310 -8.12 -3.83 6.65
CA ILE B 310 -7.39 -3.76 5.39
C ILE B 310 -7.31 -5.17 4.86
N VAL B 311 -7.76 -5.38 3.61
CA VAL B 311 -7.85 -6.72 3.03
C VAL B 311 -7.09 -6.72 1.71
N SER B 312 -6.20 -7.70 1.54
CA SER B 312 -5.47 -7.81 0.29
C SER B 312 -5.03 -9.25 0.04
N ASN B 313 -4.65 -9.52 -1.20
CA ASN B 313 -3.90 -10.74 -1.50
C ASN B 313 -2.46 -10.59 -1.01
N ILE B 314 -1.93 -11.70 -0.50
CA ILE B 314 -0.49 -11.91 -0.42
C ILE B 314 -0.20 -13.17 -1.22
N TYR B 315 1.08 -13.45 -1.41
CA TYR B 315 1.47 -14.52 -2.33
C TYR B 315 2.51 -15.42 -1.67
N LEU B 316 2.19 -16.69 -1.57
CA LEU B 316 3.06 -17.62 -0.85
C LEU B 316 4.34 -17.86 -1.66
N GLY B 317 5.47 -17.75 -0.99
CA GLY B 317 6.77 -17.83 -1.63
C GLY B 317 7.01 -16.70 -2.61
N GLY B 318 6.16 -15.68 -2.57
CA GLY B 318 6.23 -14.62 -3.54
C GLY B 318 5.91 -15.02 -4.97
N GLU B 319 5.26 -16.16 -5.19
CA GLU B 319 4.92 -16.62 -6.53
C GLU B 319 3.55 -16.08 -6.94
N VAL B 320 3.46 -15.57 -8.18
CA VAL B 320 2.22 -14.92 -8.62
C VAL B 320 1.06 -15.91 -8.74
N TYR B 321 1.36 -17.20 -8.85
CA TYR B 321 0.35 -18.23 -8.99
C TYR B 321 0.01 -18.90 -7.64
N GLN B 322 0.45 -18.33 -6.51
CA GLN B 322 0.15 -18.88 -5.19
C GLN B 322 -0.47 -17.81 -4.28
N PRO B 323 -1.62 -17.26 -4.67
CA PRO B 323 -2.27 -16.25 -3.82
C PRO B 323 -2.77 -16.85 -2.51
N GLY B 324 -2.66 -16.05 -1.45
CA GLY B 324 -3.41 -16.23 -0.22
C GLY B 324 -4.01 -14.89 0.11
N PHE B 325 -4.43 -14.64 1.35
CA PHE B 325 -4.95 -13.33 1.70
C PHE B 325 -4.51 -12.94 3.10
N ILE B 326 -4.56 -11.64 3.37
CA ILE B 326 -4.32 -11.09 4.69
C ILE B 326 -5.47 -10.12 5.00
N VAL B 327 -5.92 -10.15 6.24
CA VAL B 327 -6.86 -9.15 6.76
C VAL B 327 -6.20 -8.54 7.99
N VAL B 328 -5.94 -7.24 7.95
CA VAL B 328 -5.47 -6.49 9.12
C VAL B 328 -6.67 -5.80 9.73
N LYS B 329 -6.88 -5.97 11.03
CA LYS B 329 -8.03 -5.38 11.72
C LYS B 329 -7.56 -4.52 12.89
N PHE B 330 -8.14 -3.33 13.02
CA PHE B 330 -7.75 -2.39 14.07
C PHE B 330 -8.81 -2.33 15.15
N ASN B 331 -8.40 -2.59 16.39
CA ASN B 331 -9.21 -2.40 17.60
C ASN B 331 -10.47 -3.26 17.59
N GLN B 332 -10.47 -4.39 16.91
CA GLN B 332 -11.68 -5.19 16.94
C GLN B 332 -11.69 -6.24 18.04
N GLU B 333 -10.59 -6.39 18.79
CA GLU B 333 -10.54 -7.37 19.86
C GLU B 333 -10.98 -6.76 21.20
N THR B 334 -11.46 -7.64 22.08
CA THR B 334 -11.80 -7.28 23.45
C THR B 334 -11.17 -8.20 24.48
N ASP B 335 -10.43 -9.22 24.05
CA ASP B 335 -9.78 -10.13 24.98
C ASP B 335 -8.80 -9.40 25.89
N ALA B 336 -8.60 -9.94 27.09
CA ALA B 336 -7.65 -9.43 28.07
C ALA B 336 -7.88 -7.97 28.43
N ASN B 337 -9.11 -7.47 28.22
CA ASN B 337 -9.44 -6.07 28.51
C ASN B 337 -8.51 -5.11 27.76
N CYS B 338 -8.18 -5.46 26.52
CA CYS B 338 -7.25 -4.64 25.77
C CYS B 338 -7.85 -3.27 25.48
N ALA B 339 -6.98 -2.27 25.43
CA ALA B 339 -7.37 -0.92 25.02
C ALA B 339 -7.23 -0.71 23.52
N TYR B 340 -6.28 -1.42 22.89
CA TYR B 340 -6.01 -1.37 21.46
C TYR B 340 -5.69 -2.76 20.95
N SER B 341 -5.91 -2.99 19.66
CA SER B 341 -5.50 -4.28 19.11
C SER B 341 -5.21 -4.13 17.62
N ILE B 342 -4.28 -4.96 17.16
CA ILE B 342 -4.03 -5.17 15.75
C ILE B 342 -4.12 -6.68 15.52
N THR B 343 -5.00 -7.09 14.61
CA THR B 343 -5.21 -8.50 14.32
C THR B 343 -4.83 -8.77 12.88
N PHE B 344 -4.07 -9.84 12.64
CA PHE B 344 -3.76 -10.30 11.29
C PHE B 344 -4.47 -11.63 11.09
N ASP B 345 -5.40 -11.67 10.14
CA ASP B 345 -5.97 -12.93 9.67
C ASP B 345 -5.26 -13.31 8.38
N PHE B 346 -4.69 -14.51 8.34
CA PHE B 346 -4.10 -15.04 7.11
C PHE B 346 -4.90 -16.23 6.64
N GLY B 347 -4.93 -16.43 5.33
CA GLY B 347 -5.61 -17.61 4.82
C GLY B 347 -5.33 -17.78 3.34
N TRP B 348 -6.13 -18.64 2.73
CA TRP B 348 -6.05 -18.88 1.29
C TRP B 348 -7.36 -19.49 0.82
N GLY B 349 -7.62 -19.34 -0.48
CA GLY B 349 -8.80 -19.91 -1.10
C GLY B 349 -8.51 -20.80 -2.29
N LYS B 350 -7.40 -20.54 -2.98
CA LYS B 350 -7.05 -21.32 -4.17
C LYS B 350 -6.77 -22.78 -3.79
N VAL B 351 -7.06 -23.70 -4.71
CA VAL B 351 -6.81 -25.11 -4.48
C VAL B 351 -5.35 -25.42 -4.76
N TYR B 352 -4.66 -25.95 -3.75
CA TYR B 352 -3.26 -26.38 -3.87
C TYR B 352 -3.18 -27.88 -3.63
N LYS B 353 -3.03 -28.66 -4.70
CA LYS B 353 -2.87 -30.11 -4.56
C LYS B 353 -1.43 -30.46 -4.20
N ASP B 354 -0.47 -29.87 -4.91
CA ASP B 354 0.93 -29.96 -4.52
C ASP B 354 1.16 -29.05 -3.32
N PRO B 355 1.59 -29.57 -2.18
CA PRO B 355 1.66 -28.74 -0.97
C PRO B 355 2.72 -27.66 -1.11
N ILE B 356 2.51 -26.55 -0.41
CA ILE B 356 3.44 -25.43 -0.43
C ILE B 356 3.53 -24.80 0.96
N PRO B 357 4.68 -24.21 1.28
CA PRO B 357 4.84 -23.62 2.61
C PRO B 357 4.01 -22.35 2.75
N TYR B 358 3.42 -22.15 3.94
CA TYR B 358 2.73 -20.89 4.20
C TYR B 358 3.78 -19.86 4.62
N ASP B 359 4.23 -19.10 3.63
CA ASP B 359 5.45 -18.28 3.68
C ASP B 359 5.11 -17.04 2.85
N THR B 360 4.67 -15.97 3.51
CA THR B 360 4.01 -14.90 2.76
C THR B 360 5.00 -13.91 2.20
N SER B 361 4.62 -13.32 1.05
CA SER B 361 5.24 -12.10 0.58
C SER B 361 5.00 -10.99 1.61
N SER B 362 5.84 -9.96 1.57
CA SER B 362 5.68 -8.85 2.50
C SER B 362 4.52 -7.97 2.07
N PHE B 363 3.80 -7.44 3.06
CA PHE B 363 2.62 -6.60 2.80
C PHE B 363 2.80 -5.25 3.50
N THR B 364 2.62 -4.18 2.74
CA THR B 364 2.71 -2.82 3.25
C THR B 364 1.30 -2.28 3.55
N PHE B 365 1.15 -1.60 4.67
CA PHE B 365 -0.12 -0.92 4.98
C PHE B 365 0.16 0.28 5.88
N SER B 366 -0.88 1.11 6.07
CA SER B 366 -0.79 2.24 6.99
C SER B 366 -2.11 2.42 7.74
N TYR B 367 -2.06 3.17 8.84
CA TYR B 367 -3.28 3.41 9.61
C TYR B 367 -3.13 4.68 10.43
N ILE B 368 -4.28 5.24 10.79
CA ILE B 368 -4.33 6.47 11.56
C ILE B 368 -3.96 6.18 13.00
N ALA B 369 -3.02 6.95 13.53
CA ALA B 369 -2.48 6.71 14.87
C ALA B 369 -3.33 7.38 15.93
N GLN B 370 -3.29 6.81 17.14
CA GLN B 370 -4.07 7.34 18.25
C GLN B 370 -3.65 8.77 18.60
N GLU B 371 -2.35 9.05 18.54
CA GLU B 371 -1.84 10.38 18.85
C GLU B 371 -0.53 10.62 18.09
N THR C 180 14.70 12.18 5.92
CA THR C 180 13.43 12.22 5.22
C THR C 180 13.61 12.61 3.76
N ARG C 181 14.80 12.33 3.22
CA ARG C 181 15.14 12.64 1.85
C ARG C 181 14.54 11.63 0.88
N THR C 182 14.55 12.00 -0.40
CA THR C 182 14.01 11.18 -1.49
C THR C 182 15.10 10.88 -2.50
N LEU C 183 15.20 9.63 -2.91
CA LEU C 183 16.08 9.17 -3.97
C LEU C 183 15.19 8.72 -5.12
N TRP C 184 15.37 9.29 -6.32
CA TRP C 184 14.39 9.01 -7.37
C TRP C 184 15.01 9.06 -8.76
N THR C 185 14.18 8.70 -9.75
CA THR C 185 14.49 8.75 -11.18
C THR C 185 14.25 10.13 -11.78
N THR C 186 13.85 11.11 -10.95
CA THR C 186 13.14 12.35 -11.29
C THR C 186 11.69 11.96 -11.62
N PRO C 187 10.72 12.89 -11.46
CA PRO C 187 9.31 12.49 -11.58
C PRO C 187 8.79 12.38 -13.00
N ASP C 188 9.48 12.98 -13.98
CA ASP C 188 9.07 12.93 -15.39
C ASP C 188 10.26 12.53 -16.23
N PRO C 189 10.78 11.31 -16.05
CA PRO C 189 12.02 10.94 -16.71
C PRO C 189 11.84 10.70 -18.21
N SER C 190 12.92 10.95 -18.95
N SER C 190 12.92 10.95 -18.95
CA SER C 190 13.03 10.49 -20.32
CA SER C 190 13.02 10.48 -20.31
C SER C 190 13.27 8.98 -20.29
C SER C 190 13.26 8.97 -20.28
N PRO C 191 13.16 8.28 -21.44
CA PRO C 191 13.48 6.84 -21.46
C PRO C 191 14.80 6.55 -20.75
N ASN C 192 14.73 5.67 -19.74
CA ASN C 192 15.83 5.52 -18.80
C ASN C 192 16.08 4.07 -18.41
N CYS C 193 15.42 3.11 -19.07
CA CYS C 193 15.38 1.76 -18.55
C CYS C 193 15.30 0.76 -19.68
N LYS C 194 15.91 -0.40 -19.46
CA LYS C 194 15.98 -1.47 -20.45
C LYS C 194 15.04 -2.59 -20.04
N VAL C 195 14.01 -2.84 -20.85
CA VAL C 195 13.19 -4.03 -20.73
C VAL C 195 13.77 -5.07 -21.69
N GLU C 196 13.78 -4.75 -22.99
N GLU C 196 13.77 -4.73 -22.98
CA GLU C 196 14.45 -5.59 -23.97
CA GLU C 196 14.36 -5.54 -24.04
C GLU C 196 15.72 -4.96 -24.50
C GLU C 196 15.67 -4.96 -24.53
N THR C 197 15.70 -3.68 -24.86
CA THR C 197 16.88 -2.97 -25.32
C THR C 197 17.02 -1.68 -24.52
N ALA C 198 18.21 -1.08 -24.60
CA ALA C 198 18.53 0.09 -23.79
C ALA C 198 17.52 1.21 -24.02
N ARG C 199 17.07 1.82 -22.92
CA ARG C 199 16.19 2.99 -22.96
C ARG C 199 14.95 2.75 -23.81
N ASP C 200 14.38 1.54 -23.71
CA ASP C 200 13.09 1.27 -24.35
C ASP C 200 11.91 1.51 -23.42
N SER C 201 12.15 2.07 -22.23
CA SER C 201 11.05 2.26 -21.30
C SER C 201 11.38 3.38 -20.33
N LYS C 202 10.34 3.87 -19.65
CA LYS C 202 10.41 4.96 -18.69
C LYS C 202 10.00 4.41 -17.33
N LEU C 203 10.96 4.20 -16.45
CA LEU C 203 10.68 3.77 -15.08
C LEU C 203 10.65 5.02 -14.19
N THR C 204 9.52 5.26 -13.53
CA THR C 204 9.43 6.31 -12.52
C THR C 204 9.45 5.63 -11.16
N LEU C 205 10.45 5.96 -10.35
CA LEU C 205 10.63 5.33 -9.04
C LEU C 205 11.11 6.39 -8.07
N ALA C 206 10.42 6.51 -6.93
CA ALA C 206 10.82 7.41 -5.85
C ALA C 206 10.91 6.62 -4.55
N LEU C 207 12.04 6.74 -3.87
CA LEU C 207 12.27 6.11 -2.57
C LEU C 207 12.42 7.23 -1.54
N THR C 208 11.59 7.19 -0.50
CA THR C 208 11.62 8.21 0.55
C THR C 208 11.90 7.54 1.88
N LYS C 209 12.92 8.02 2.59
CA LYS C 209 13.31 7.41 3.86
C LYS C 209 12.40 7.91 4.98
N CYS C 210 11.75 6.98 5.66
CA CYS C 210 10.96 7.23 6.86
C CYS C 210 11.62 6.45 7.99
N GLY C 211 12.75 6.94 8.46
CA GLY C 211 13.47 6.22 9.50
C GLY C 211 13.88 4.84 9.02
N SER C 212 13.44 3.82 9.74
CA SER C 212 13.85 2.45 9.46
C SER C 212 13.10 1.81 8.30
N GLN C 213 12.14 2.50 7.70
CA GLN C 213 11.44 1.99 6.52
C GLN C 213 11.59 2.97 5.37
N ILE C 214 11.62 2.41 4.16
CA ILE C 214 11.61 3.18 2.92
C ILE C 214 10.21 3.09 2.35
N LEU C 215 9.63 4.25 2.00
CA LEU C 215 8.34 4.33 1.33
C LEU C 215 8.57 4.57 -0.16
N ALA C 216 7.94 3.77 -1.01
CA ALA C 216 8.28 3.77 -2.43
C ALA C 216 7.02 3.85 -3.28
N THR C 217 7.15 4.49 -4.45
CA THR C 217 6.13 4.48 -5.48
C THR C 217 6.80 4.22 -6.83
N VAL C 218 6.22 3.33 -7.63
CA VAL C 218 6.86 2.89 -8.87
C VAL C 218 5.81 2.75 -9.97
N SER C 219 6.18 3.13 -11.17
N SER C 219 6.18 3.12 -11.18
CA SER C 219 5.32 2.94 -12.34
CA SER C 219 5.34 2.97 -12.35
C SER C 219 6.23 2.80 -13.55
C SER C 219 6.25 2.80 -13.55
N LEU C 220 5.74 2.07 -14.55
CA LEU C 220 6.54 1.75 -15.74
C LEU C 220 5.72 1.99 -17.00
N LEU C 221 6.29 2.75 -17.94
CA LEU C 221 5.76 2.85 -19.30
C LEU C 221 6.81 2.29 -20.27
N VAL C 222 6.45 1.23 -20.99
CA VAL C 222 7.32 0.71 -22.03
C VAL C 222 6.98 1.46 -23.30
N VAL C 223 7.99 2.09 -23.93
CA VAL C 223 7.69 3.02 -25.02
C VAL C 223 8.01 2.44 -26.40
N THR C 224 8.93 1.48 -26.49
CA THR C 224 9.26 0.87 -27.77
C THR C 224 9.59 -0.60 -27.56
N GLY C 225 9.59 -1.35 -28.66
CA GLY C 225 10.03 -2.73 -28.67
C GLY C 225 8.94 -3.72 -28.34
N LYS C 226 9.39 -4.95 -28.04
CA LYS C 226 8.52 -6.11 -27.91
C LYS C 226 7.42 -5.92 -26.87
N TYR C 227 7.71 -5.22 -25.77
CA TYR C 227 6.76 -5.11 -24.69
C TYR C 227 6.03 -3.76 -24.65
N ALA C 228 6.20 -2.93 -25.68
CA ALA C 228 5.49 -1.65 -25.68
C ALA C 228 3.99 -1.83 -25.80
N ILE C 229 3.54 -2.73 -26.68
CA ILE C 229 2.12 -3.02 -26.89
C ILE C 229 1.96 -4.53 -26.76
N ILE C 230 1.33 -5.00 -25.70
CA ILE C 230 1.32 -6.42 -25.43
C ILE C 230 -0.03 -7.01 -25.82
N SER C 231 -0.05 -8.34 -25.92
CA SER C 231 -1.25 -9.10 -26.26
C SER C 231 -1.01 -10.56 -25.90
N ASP C 232 -2.02 -11.40 -26.11
CA ASP C 232 -1.88 -12.78 -25.68
C ASP C 232 -0.85 -13.57 -26.50
N THR C 233 -0.39 -13.05 -27.64
CA THR C 233 0.64 -13.75 -28.43
C THR C 233 2.06 -13.49 -27.93
N VAL C 234 2.25 -12.46 -27.11
CA VAL C 234 3.58 -12.12 -26.63
C VAL C 234 4.00 -13.13 -25.56
N ASN C 235 5.21 -13.67 -25.70
CA ASN C 235 5.79 -14.55 -24.69
C ASN C 235 7.29 -14.28 -24.55
N PRO C 236 7.84 -14.36 -23.33
CA PRO C 236 7.13 -14.62 -22.07
C PRO C 236 6.32 -13.42 -21.61
N LYS C 237 5.40 -13.66 -20.69
CA LYS C 237 4.51 -12.61 -20.18
C LYS C 237 5.02 -12.05 -18.86
N GLN C 238 6.34 -11.89 -18.79
CA GLN C 238 7.04 -11.39 -17.62
C GLN C 238 8.44 -10.97 -18.06
N PHE C 239 8.94 -9.87 -17.48
CA PHE C 239 10.32 -9.41 -17.72
C PHE C 239 10.84 -8.78 -16.43
N SER C 240 12.17 -8.68 -16.30
CA SER C 240 12.82 -8.21 -15.07
C SER C 240 13.59 -6.92 -15.29
N ILE C 241 13.49 -6.03 -14.30
CA ILE C 241 14.23 -4.76 -14.26
C ILE C 241 15.06 -4.76 -12.98
N LYS C 242 16.37 -4.87 -13.12
CA LYS C 242 17.26 -5.02 -11.96
C LYS C 242 17.93 -3.69 -11.62
N LEU C 243 17.82 -3.29 -10.34
CA LEU C 243 18.61 -2.19 -9.79
C LEU C 243 19.66 -2.79 -8.88
N LEU C 244 20.93 -2.69 -9.28
CA LEU C 244 22.04 -3.32 -8.59
C LEU C 244 22.86 -2.24 -7.92
N PHE C 245 23.16 -2.40 -6.63
CA PHE C 245 23.88 -1.40 -5.85
C PHE C 245 25.14 -1.98 -5.22
N ASN C 246 26.17 -1.14 -5.10
CA ASN C 246 27.39 -1.54 -4.39
C ASN C 246 27.21 -1.28 -2.90
N ASP C 247 28.28 -1.48 -2.12
CA ASP C 247 28.17 -1.40 -0.67
C ASP C 247 27.98 0.02 -0.16
N LYS C 248 28.11 1.03 -1.02
CA LYS C 248 27.75 2.39 -0.67
C LYS C 248 26.36 2.78 -1.17
N GLY C 249 25.60 1.84 -1.73
CA GLY C 249 24.27 2.13 -2.22
C GLY C 249 24.24 2.88 -3.53
N VAL C 250 25.33 2.85 -4.28
CA VAL C 250 25.47 3.51 -5.58
C VAL C 250 25.07 2.52 -6.66
N LEU C 251 24.31 2.99 -7.64
CA LEU C 251 23.77 2.13 -8.68
C LEU C 251 24.87 1.70 -9.65
N LEU C 252 24.90 0.41 -9.95
CA LEU C 252 25.93 -0.14 -10.82
C LEU C 252 25.46 -0.08 -12.27
N SER C 253 26.43 0.06 -13.20
CA SER C 253 26.08 0.24 -14.60
C SER C 253 25.43 -0.99 -15.23
N ASP C 254 25.61 -2.17 -14.62
CA ASP C 254 24.93 -3.37 -15.10
C ASP C 254 23.42 -3.34 -14.85
N SER C 255 22.92 -2.37 -14.08
CA SER C 255 21.49 -2.30 -13.83
C SER C 255 20.70 -2.03 -15.10
N ASN C 256 19.45 -2.49 -15.13
CA ASN C 256 18.56 -2.15 -16.24
C ASN C 256 18.26 -0.67 -16.28
N LEU C 257 18.21 -0.03 -15.11
CA LEU C 257 17.99 1.40 -15.00
C LEU C 257 19.28 2.17 -15.25
N ASP C 258 19.22 3.15 -16.14
CA ASP C 258 20.38 4.03 -16.35
C ASP C 258 20.52 4.98 -15.18
N GLY C 259 21.76 5.19 -14.74
CA GLY C 259 21.97 5.99 -13.54
C GLY C 259 22.13 7.48 -13.75
N THR C 260 22.03 7.97 -14.98
CA THR C 260 22.33 9.37 -15.26
C THR C 260 21.47 10.31 -14.42
N TYR C 261 20.18 10.00 -14.26
CA TYR C 261 19.26 10.84 -13.52
C TYR C 261 18.70 10.13 -12.29
N TRP C 262 19.43 9.15 -11.76
CA TRP C 262 19.09 8.50 -10.50
C TRP C 262 19.88 9.19 -9.40
N ASN C 263 19.19 9.96 -8.54
CA ASN C 263 19.88 10.83 -7.59
C ASN C 263 18.89 11.35 -6.56
N TYR C 264 19.42 12.05 -5.54
CA TYR C 264 18.58 12.69 -4.55
C TYR C 264 17.80 13.85 -5.16
N ARG C 265 16.58 14.06 -4.65
CA ARG C 265 15.75 15.17 -5.11
C ARG C 265 16.34 16.51 -4.67
N SER C 266 16.22 17.51 -5.54
CA SER C 266 16.54 18.89 -5.18
C SER C 266 15.45 19.84 -5.67
N THR C 273 25.51 16.69 -9.28
CA THR C 273 26.56 15.84 -8.72
C THR C 273 26.00 14.48 -8.30
N PRO C 274 26.58 13.40 -8.80
CA PRO C 274 26.09 12.06 -8.44
C PRO C 274 26.33 11.80 -6.96
N TYR C 275 25.37 11.13 -6.32
CA TYR C 275 25.50 10.94 -4.89
C TYR C 275 26.60 9.94 -4.58
N LYS C 276 27.17 10.07 -3.38
CA LYS C 276 28.28 9.22 -2.96
C LYS C 276 27.84 8.05 -2.09
N GLU C 277 26.71 8.17 -1.41
CA GLU C 277 26.29 7.17 -0.44
C GLU C 277 24.77 7.21 -0.29
N ALA C 278 24.16 6.03 -0.17
CA ALA C 278 22.73 5.94 0.09
C ALA C 278 22.42 4.61 0.77
N VAL C 279 23.32 4.15 1.65
CA VAL C 279 23.09 2.90 2.37
C VAL C 279 21.79 2.94 3.14
N GLY C 280 21.39 4.12 3.63
CA GLY C 280 20.12 4.26 4.32
C GLY C 280 18.90 3.98 3.47
N PHE C 281 19.06 3.88 2.14
CA PHE C 281 17.95 3.58 1.24
C PHE C 281 17.97 2.15 0.75
N MET C 282 18.98 1.38 1.12
CA MET C 282 19.10 0.01 0.68
C MET C 282 18.19 -0.90 1.50
N PRO C 283 17.65 -1.94 0.90
CA PRO C 283 16.91 -2.93 1.68
C PRO C 283 17.84 -3.72 2.59
N SER C 284 17.40 -3.90 3.83
CA SER C 284 18.20 -4.55 4.87
C SER C 284 18.62 -5.95 4.44
N THR C 285 19.92 -6.23 4.61
CA THR C 285 20.39 -7.61 4.41
C THR C 285 20.13 -8.48 5.62
N THR C 286 19.61 -7.92 6.72
CA THR C 286 19.14 -8.73 7.84
C THR C 286 17.69 -9.14 7.65
N ALA C 287 16.83 -8.20 7.25
CA ALA C 287 15.46 -8.55 6.92
C ALA C 287 15.38 -9.39 5.66
N TYR C 288 16.20 -9.07 4.65
CA TYR C 288 16.11 -9.67 3.32
C TYR C 288 17.49 -10.16 2.91
N PRO C 289 17.95 -11.26 3.48
CA PRO C 289 19.32 -11.71 3.20
C PRO C 289 19.45 -12.25 1.78
N LYS C 290 20.65 -12.07 1.22
CA LYS C 290 20.99 -12.67 -0.06
C LYS C 290 20.79 -14.18 0.00
N PRO C 291 20.37 -14.80 -1.10
CA PRO C 291 20.13 -16.25 -1.10
C PRO C 291 21.41 -17.01 -0.81
N THR C 292 21.27 -18.08 -0.02
CA THR C 292 22.41 -18.88 0.41
C THR C 292 22.04 -20.35 0.46
N ASP C 298 16.81 -28.12 10.49
CA ASP C 298 16.16 -27.42 11.59
C ASP C 298 15.07 -26.49 11.07
N PRO C 299 13.81 -26.82 11.34
CA PRO C 299 12.71 -26.00 10.84
C PRO C 299 12.68 -24.60 11.44
N ASP C 300 13.10 -24.43 12.70
CA ASP C 300 13.20 -23.11 13.30
C ASP C 300 14.31 -22.26 12.67
N LYS C 301 15.05 -22.80 11.70
CA LYS C 301 16.08 -22.06 10.98
C LYS C 301 15.81 -22.04 9.47
N LYS C 302 14.60 -22.37 9.04
CA LYS C 302 14.24 -22.25 7.64
C LYS C 302 14.25 -20.78 7.23
N VAL C 303 14.73 -20.52 6.03
CA VAL C 303 14.82 -19.16 5.51
C VAL C 303 13.55 -18.86 4.70
N SER C 304 12.91 -17.74 5.00
CA SER C 304 11.71 -17.39 4.26
C SER C 304 12.02 -17.08 2.79
N GLN C 305 11.26 -17.69 1.88
CA GLN C 305 11.32 -17.34 0.47
C GLN C 305 10.37 -16.21 0.10
N GLY C 306 9.39 -15.92 0.94
CA GLY C 306 8.41 -14.90 0.57
C GLY C 306 8.74 -13.51 1.05
N LYS C 307 9.42 -13.38 2.21
CA LYS C 307 9.44 -12.07 2.85
C LYS C 307 10.26 -11.04 2.07
N ASN C 308 11.19 -11.48 1.24
CA ASN C 308 11.95 -10.55 0.41
C ASN C 308 11.22 -10.17 -0.88
N LYS C 309 9.95 -10.56 -1.02
CA LYS C 309 9.17 -10.23 -2.21
C LYS C 309 7.88 -9.52 -1.82
N ILE C 310 7.49 -8.55 -2.62
CA ILE C 310 6.16 -7.92 -2.54
C ILE C 310 5.49 -8.15 -3.88
N VAL C 311 4.26 -8.67 -3.85
CA VAL C 311 3.56 -9.09 -5.07
C VAL C 311 2.16 -8.50 -5.06
N SER C 312 1.77 -7.87 -6.17
CA SER C 312 0.43 -7.32 -6.26
C SER C 312 0.04 -7.17 -7.72
N ASN C 313 -1.25 -6.91 -7.94
CA ASN C 313 -1.71 -6.48 -9.25
C ASN C 313 -1.38 -5.01 -9.46
N ILE C 314 -1.02 -4.67 -10.70
CA ILE C 314 -1.14 -3.31 -11.18
C ILE C 314 -2.11 -3.37 -12.36
N TYR C 315 -2.45 -2.23 -12.94
CA TYR C 315 -3.51 -2.17 -13.94
C TYR C 315 -3.03 -1.33 -15.12
N LEU C 316 -3.05 -1.91 -16.32
CA LEU C 316 -2.51 -1.23 -17.48
C LEU C 316 -3.43 -0.08 -17.90
N GLY C 317 -2.85 1.09 -18.09
CA GLY C 317 -3.60 2.28 -18.41
C GLY C 317 -4.48 2.69 -17.25
N GLY C 318 -4.25 2.07 -16.09
CA GLY C 318 -5.12 2.27 -14.94
C GLY C 318 -6.54 1.80 -15.13
N GLU C 319 -6.79 0.88 -16.05
CA GLU C 319 -8.13 0.35 -16.27
C GLU C 319 -8.35 -0.87 -15.40
N VAL C 320 -9.52 -0.92 -14.73
CA VAL C 320 -9.79 -2.00 -13.79
C VAL C 320 -9.90 -3.35 -14.49
N TYR C 321 -10.22 -3.36 -15.78
CA TYR C 321 -10.33 -4.60 -16.54
C TYR C 321 -9.03 -4.98 -17.25
N GLN C 322 -7.90 -4.33 -16.94
CA GLN C 322 -6.61 -4.69 -17.54
C GLN C 322 -5.54 -4.99 -16.47
N PRO C 323 -5.79 -5.97 -15.60
CA PRO C 323 -4.78 -6.34 -14.60
C PRO C 323 -3.49 -6.87 -15.22
N GLY C 324 -2.37 -6.48 -14.62
CA GLY C 324 -1.10 -7.19 -14.75
C GLY C 324 -0.56 -7.41 -13.36
N PHE C 325 0.72 -7.71 -13.23
CA PHE C 325 1.26 -7.90 -11.89
C PHE C 325 2.65 -7.28 -11.80
N ILE C 326 3.04 -6.98 -10.56
CA ILE C 326 4.38 -6.54 -10.24
C ILE C 326 4.90 -7.42 -9.12
N VAL C 327 6.17 -7.79 -9.20
CA VAL C 327 6.88 -8.46 -8.12
C VAL C 327 8.09 -7.61 -7.80
N VAL C 328 8.17 -7.10 -6.57
CA VAL C 328 9.36 -6.39 -6.10
C VAL C 328 10.18 -7.38 -5.28
N LYS C 329 11.49 -7.46 -5.55
CA LYS C 329 12.36 -8.42 -4.87
C LYS C 329 13.56 -7.69 -4.27
N PHE C 330 13.87 -7.99 -3.01
CA PHE C 330 14.96 -7.32 -2.32
C PHE C 330 16.17 -8.26 -2.19
N ASN C 331 17.33 -7.80 -2.68
CA ASN C 331 18.62 -8.43 -2.42
C ASN C 331 18.72 -9.84 -2.99
N GLN C 332 17.96 -10.15 -4.05
CA GLN C 332 17.98 -11.50 -4.58
C GLN C 332 18.95 -11.66 -5.75
N GLU C 333 19.60 -10.60 -6.19
CA GLU C 333 20.52 -10.63 -7.32
C GLU C 333 21.96 -10.82 -6.86
N THR C 334 22.74 -11.47 -7.72
CA THR C 334 24.17 -11.64 -7.50
C THR C 334 25.01 -10.96 -8.58
N ASP C 335 24.38 -10.39 -9.61
CA ASP C 335 25.10 -9.82 -10.75
C ASP C 335 25.99 -8.67 -10.31
N ALA C 336 27.12 -8.52 -11.02
CA ALA C 336 28.07 -7.43 -10.82
C ALA C 336 28.62 -7.38 -9.40
N ASN C 337 28.55 -8.50 -8.67
CA ASN C 337 28.98 -8.58 -7.28
C ASN C 337 28.28 -7.53 -6.41
N CYS C 338 27.00 -7.30 -6.69
CA CYS C 338 26.26 -6.25 -6.01
C CYS C 338 26.13 -6.57 -4.52
N ALA C 339 26.11 -5.52 -3.71
CA ALA C 339 25.89 -5.66 -2.28
C ALA C 339 24.42 -5.61 -1.91
N TYR C 340 23.60 -4.90 -2.70
CA TYR C 340 22.17 -4.78 -2.50
C TYR C 340 21.49 -4.81 -3.87
N SER C 341 20.21 -5.18 -3.89
CA SER C 341 19.46 -5.09 -5.15
C SER C 341 17.97 -4.90 -4.89
N ILE C 342 17.32 -4.19 -5.81
CA ILE C 342 15.88 -4.12 -5.92
C ILE C 342 15.53 -4.54 -7.34
N THR C 343 14.69 -5.54 -7.48
CA THR C 343 14.29 -6.06 -8.78
C THR C 343 12.79 -5.89 -8.92
N PHE C 344 12.37 -5.43 -10.10
CA PHE C 344 10.96 -5.32 -10.46
C PHE C 344 10.70 -6.31 -11.59
N ASP C 345 9.90 -7.33 -11.31
CA ASP C 345 9.35 -8.19 -12.37
C ASP C 345 7.95 -7.67 -12.70
N PHE C 346 7.73 -7.34 -13.96
CA PHE C 346 6.41 -6.95 -14.44
C PHE C 346 5.88 -8.03 -15.35
N GLY C 347 4.58 -8.24 -15.33
CA GLY C 347 3.99 -9.19 -16.27
C GLY C 347 2.48 -9.08 -16.29
N TRP C 348 1.86 -10.11 -16.86
CA TRP C 348 0.42 -10.21 -16.87
C TRP C 348 0.05 -11.66 -17.12
N GLY C 349 -1.19 -12.00 -16.83
CA GLY C 349 -1.71 -13.32 -17.12
C GLY C 349 -3.03 -13.34 -17.87
N LYS C 350 -3.85 -12.30 -17.70
CA LYS C 350 -5.13 -12.23 -18.41
C LYS C 350 -4.94 -12.24 -19.92
N VAL C 351 -5.87 -12.87 -20.63
CA VAL C 351 -5.85 -12.91 -22.10
C VAL C 351 -6.28 -11.55 -22.64
N TYR C 352 -5.41 -10.90 -23.43
CA TYR C 352 -5.73 -9.66 -24.15
C TYR C 352 -5.62 -9.94 -25.64
N LYS C 353 -6.76 -10.15 -26.31
CA LYS C 353 -6.71 -10.36 -27.76
C LYS C 353 -6.51 -9.06 -28.53
N ASP C 354 -6.99 -7.96 -27.97
CA ASP C 354 -6.74 -6.62 -28.53
C ASP C 354 -5.51 -6.02 -27.87
N PRO C 355 -4.49 -5.64 -28.64
CA PRO C 355 -3.22 -5.24 -28.00
C PRO C 355 -3.34 -3.92 -27.25
N ILE C 356 -2.64 -3.84 -26.12
CA ILE C 356 -2.72 -2.68 -25.21
C ILE C 356 -1.32 -2.34 -24.70
N PRO C 357 -1.07 -1.05 -24.46
CA PRO C 357 0.25 -0.63 -24.02
C PRO C 357 0.60 -1.15 -22.63
N TYR C 358 1.87 -1.55 -22.44
CA TYR C 358 2.29 -1.94 -21.09
C TYR C 358 2.62 -0.64 -20.35
N ASP C 359 1.65 -0.15 -19.60
CA ASP C 359 1.67 1.22 -19.07
C ASP C 359 1.00 1.12 -17.70
N THR C 360 1.79 0.99 -16.63
CA THR C 360 1.26 0.50 -15.37
C THR C 360 0.70 1.64 -14.51
N SER C 361 -0.35 1.32 -13.76
CA SER C 361 -0.78 2.18 -12.67
C SER C 361 0.33 2.22 -11.61
N SER C 362 0.38 3.32 -10.86
CA SER C 362 1.39 3.47 -9.82
C SER C 362 1.17 2.48 -8.68
N PHE C 363 2.28 2.00 -8.11
CA PHE C 363 2.25 1.00 -7.05
C PHE C 363 3.08 1.48 -5.88
N THR C 364 2.49 1.42 -4.69
CA THR C 364 3.13 1.83 -3.45
C THR C 364 3.59 0.62 -2.66
N PHE C 365 4.80 0.69 -2.10
CA PHE C 365 5.27 -0.36 -1.21
C PHE C 365 6.25 0.24 -0.23
N SER C 366 6.65 -0.58 0.73
CA SER C 366 7.64 -0.16 1.72
C SER C 366 8.51 -1.35 2.08
N TYR C 367 9.67 -1.06 2.65
CA TYR C 367 10.55 -2.14 3.07
C TYR C 367 11.46 -1.64 4.19
N ILE C 368 12.05 -2.59 4.91
CA ILE C 368 12.94 -2.26 6.02
C ILE C 368 14.30 -1.83 5.47
N ALA C 369 14.77 -0.67 5.92
CA ALA C 369 16.04 -0.11 5.45
C ALA C 369 17.24 -0.75 6.15
N GLN C 370 18.36 -0.77 5.42
CA GLN C 370 19.60 -1.34 5.97
C GLN C 370 20.06 -0.58 7.21
N GLU C 371 19.95 0.74 7.20
CA GLU C 371 20.26 1.54 8.37
C GLU C 371 19.35 2.75 8.42
#